data_5VMV
#
_entry.id   5VMV
#
_cell.length_a   44.219
_cell.length_b   183.792
_cell.length_c   104.566
_cell.angle_alpha   90.00
_cell.angle_beta   90.00
_cell.angle_gamma   90.00
#
_symmetry.space_group_name_H-M   'C 2 2 2'
#
loop_
_entity.id
_entity.type
_entity.pdbx_description
1 polymer 'Transcriptional regulator Kaiso'
2 polymer "DNA (5'-D(*TP*GP*CP*TP*TP*CP*TP*(5CM)P*GP*(5CM)P*GP*AP*GP*AP*AP*GP*CP*A)-3')"
3 non-polymer 'ZINC ION'
4 non-polymer 'CHLORIDE ION'
5 water water
#
loop_
_entity_poly.entity_id
_entity_poly.type
_entity_poly.pdbx_seq_one_letter_code
_entity_poly.pdbx_strand_id
1 'polypeptide(L)'
;MANKRMKVKHDDHYELIVDGRVYYICIVCKRSYVCLTSLRRHFNIHSWEKKYPCRYCEKVFPLAEYRTKHEIHHTGERRY
QCLACGKSFINYQFMSSHIKSVHSQDPSGDSKLYRLHPCRSLQIRQYAYLSDRS
;
A
2 'polydeoxyribonucleotide' (DT)(DG)(DC)(DT)(DT)(DC)(DT)(5CM)(DG)(5CM)(DG)(DA)(DG)(DA)(DA)(DG)(DC)(DA) D,E
#
# COMPACT_ATOMS: atom_id res chain seq x y z
N ASP A 11 27.59 2.51 1.58
CA ASP A 11 26.38 1.70 1.58
C ASP A 11 25.12 2.52 1.81
N ASP A 12 23.98 1.84 1.88
CA ASP A 12 22.74 2.49 2.28
C ASP A 12 22.22 1.88 3.58
N HIS A 13 22.78 0.75 4.00
CA HIS A 13 22.39 0.13 5.26
C HIS A 13 23.53 -0.55 6.02
N TYR A 14 23.21 -1.05 7.21
CA TYR A 14 24.07 -2.03 7.88
C TYR A 14 23.20 -3.12 8.51
N GLU A 15 23.75 -4.33 8.64
CA GLU A 15 23.00 -5.43 9.25
C GLU A 15 23.11 -5.44 10.77
N LEU A 16 22.09 -5.98 11.41
CA LEU A 16 22.02 -6.08 12.86
C LEU A 16 21.50 -7.45 13.21
N ILE A 17 22.33 -8.31 13.80
CA ILE A 17 21.87 -9.66 14.08
C ILE A 17 21.65 -9.91 15.57
N VAL A 18 20.41 -10.18 15.93
CA VAL A 18 20.08 -10.49 17.32
C VAL A 18 19.40 -11.84 17.39
N ASP A 19 19.92 -12.74 18.23
CA ASP A 19 19.41 -14.10 18.33
C ASP A 19 19.45 -14.82 16.98
N GLY A 20 20.40 -14.45 16.13
CA GLY A 20 20.46 -15.01 14.79
C GLY A 20 19.46 -14.40 13.82
N ARG A 21 18.48 -13.66 14.36
CA ARG A 21 17.55 -12.91 13.51
C ARG A 21 18.30 -11.75 12.83
N VAL A 22 18.14 -11.62 11.52
CA VAL A 22 18.83 -10.57 10.78
C VAL A 22 17.95 -9.39 10.46
N TYR A 23 18.31 -8.21 10.95
CA TYR A 23 17.64 -7.00 10.55
C TYR A 23 18.55 -6.17 9.64
N TYR A 24 17.92 -5.37 8.80
CA TYR A 24 18.63 -4.45 7.92
C TYR A 24 18.27 -3.04 8.34
N ILE A 25 19.27 -2.24 8.67
CA ILE A 25 19.05 -0.92 9.24
C ILE A 25 19.44 0.17 8.25
N CYS A 26 18.51 1.10 8.03
CA CYS A 26 18.74 2.26 7.17
C CYS A 26 19.77 3.22 7.78
N ILE A 27 20.88 3.48 7.07
CA ILE A 27 21.95 4.31 7.66
C ILE A 27 21.48 5.74 7.96
N VAL A 28 20.51 6.23 7.20
CA VAL A 28 20.02 7.59 7.38
C VAL A 28 19.11 7.73 8.61
N CYS A 29 18.05 6.93 8.70
CA CYS A 29 17.08 7.10 9.79
C CYS A 29 17.06 5.94 10.79
N LYS A 30 18.06 5.06 10.69
CA LYS A 30 18.21 3.88 11.56
C LYS A 30 16.95 3.02 11.69
N ARG A 31 16.11 2.96 10.65
CA ARG A 31 14.92 2.11 10.74
C ARG A 31 15.24 0.66 10.44
N SER A 32 14.48 -0.22 11.09
CA SER A 32 14.73 -1.65 11.08
C SER A 32 13.88 -2.38 10.04
N TYR A 33 14.50 -3.27 9.27
CA TYR A 33 13.76 -3.98 8.24
C TYR A 33 14.15 -5.45 8.19
N VAL A 34 13.13 -6.30 8.20
CA VAL A 34 13.31 -7.74 8.12
C VAL A 34 13.76 -8.13 6.73
N CYS A 35 13.25 -7.41 5.74
CA CYS A 35 13.58 -7.71 4.36
C CYS A 35 14.34 -6.54 3.73
N LEU A 36 15.46 -6.85 3.11
CA LEU A 36 16.25 -5.85 2.42
C LEU A 36 15.45 -5.10 1.34
N THR A 37 14.64 -5.81 0.56
CA THR A 37 13.88 -5.10 -0.48
C THR A 37 12.99 -4.03 0.14
N SER A 38 12.40 -4.36 1.29
CA SER A 38 11.69 -3.38 2.08
C SER A 38 12.57 -2.16 2.36
N LEU A 39 13.80 -2.40 2.79
CA LEU A 39 14.70 -1.31 3.11
C LEU A 39 14.97 -0.44 1.88
N ARG A 40 15.25 -1.04 0.73
CA ARG A 40 15.43 -0.26 -0.50
C ARG A 40 14.21 0.63 -0.77
N ARG A 41 13.04 -0.02 -0.86
CA ARG A 41 11.78 0.66 -1.09
C ARG A 41 11.71 1.88 -0.18
N HIS A 42 12.10 1.70 1.08
CA HIS A 42 12.13 2.82 2.00
C HIS A 42 13.18 3.90 1.68
N PHE A 43 14.41 3.48 1.42
CA PHE A 43 15.56 4.39 1.32
C PHE A 43 15.40 5.30 0.11
N ASN A 44 14.56 4.87 -0.83
CA ASN A 44 14.31 5.76 -1.94
C ASN A 44 13.70 7.08 -1.49
N ILE A 45 13.06 7.09 -0.30
CA ILE A 45 12.49 8.33 0.20
C ILE A 45 13.58 9.29 0.70
N HIS A 46 14.77 8.75 0.98
CA HIS A 46 15.92 9.56 1.33
C HIS A 46 16.67 10.02 0.08
N SER A 47 16.86 9.12 -0.86
CA SER A 47 17.68 9.48 -2.03
C SER A 47 16.91 10.06 -3.23
N TRP A 48 15.62 9.80 -3.32
CA TRP A 48 14.83 10.14 -4.51
C TRP A 48 15.52 9.73 -5.79
N GLU A 49 16.22 8.60 -5.77
CA GLU A 49 16.98 8.16 -6.93
C GLU A 49 16.03 7.77 -8.05
N LYS A 50 14.93 7.15 -7.68
CA LYS A 50 13.86 6.84 -8.62
C LYS A 50 12.63 7.69 -8.31
N LYS A 51 11.99 8.15 -9.39
CA LYS A 51 10.81 8.98 -9.27
C LYS A 51 9.60 8.30 -9.90
N TYR A 52 8.47 8.41 -9.22
CA TYR A 52 7.23 7.89 -9.73
C TYR A 52 6.22 9.01 -10.01
N PRO A 53 6.33 9.63 -11.19
CA PRO A 53 5.41 10.71 -11.57
C PRO A 53 4.03 10.19 -11.87
N CYS A 54 2.99 10.91 -11.44
CA CYS A 54 1.61 10.60 -11.81
C CYS A 54 1.39 10.86 -13.29
N ARG A 55 0.69 9.95 -13.97
CA ARG A 55 0.36 10.16 -15.38
C ARG A 55 -0.73 11.22 -15.61
N TYR A 56 -1.40 11.65 -14.53
CA TYR A 56 -2.60 12.49 -14.66
C TYR A 56 -2.37 13.90 -14.20
N CYS A 57 -1.33 14.09 -13.41
CA CYS A 57 -0.96 15.41 -12.96
C CYS A 57 0.54 15.47 -12.68
N GLU A 58 0.96 16.54 -12.02
CA GLU A 58 2.38 16.86 -11.90
C GLU A 58 3.05 16.24 -10.68
N LYS A 59 2.26 15.68 -9.76
CA LYS A 59 2.84 15.10 -8.55
C LYS A 59 3.80 13.94 -8.83
N VAL A 60 4.84 13.82 -8.00
CA VAL A 60 5.82 12.75 -8.12
C VAL A 60 5.94 12.06 -6.77
N PHE A 61 6.19 10.75 -6.77
CA PHE A 61 6.15 9.94 -5.56
C PHE A 61 7.41 9.11 -5.41
N PRO A 62 7.82 8.87 -4.15
CA PRO A 62 9.05 8.12 -3.89
C PRO A 62 8.84 6.62 -3.87
N LEU A 63 7.58 6.18 -3.82
CA LEU A 63 7.18 4.77 -3.87
C LEU A 63 6.16 4.55 -4.98
N ALA A 64 6.29 3.43 -5.67
CA ALA A 64 5.39 3.07 -6.74
C ALA A 64 3.95 2.94 -6.22
N GLU A 65 3.81 2.44 -4.99
CA GLU A 65 2.46 2.12 -4.50
C GLU A 65 1.71 3.41 -4.15
N TYR A 66 2.45 4.44 -3.73
CA TYR A 66 1.88 5.75 -3.47
C TYR A 66 1.30 6.32 -4.76
N ARG A 67 2.09 6.18 -5.82
CA ARG A 67 1.65 6.65 -7.12
C ARG A 67 0.40 5.91 -7.57
N THR A 68 0.38 4.60 -7.39
CA THR A 68 -0.73 3.77 -7.84
C THR A 68 -2.02 4.12 -7.08
N LYS A 69 -1.92 4.21 -5.76
CA LYS A 69 -3.10 4.63 -4.99
C LYS A 69 -3.59 6.01 -5.45
N HIS A 70 -2.66 6.92 -5.66
CA HIS A 70 -2.97 8.26 -6.15
C HIS A 70 -3.73 8.25 -7.48
N GLU A 71 -3.19 7.47 -8.41
CA GLU A 71 -3.74 7.44 -9.75
C GLU A 71 -5.16 6.82 -9.73
N ILE A 72 -5.32 5.77 -8.93
CA ILE A 72 -6.62 5.13 -8.89
C ILE A 72 -7.57 6.15 -8.29
N HIS A 73 -7.07 6.95 -7.35
CA HIS A 73 -7.89 8.03 -6.85
C HIS A 73 -8.29 8.99 -7.96
N HIS A 74 -7.40 9.24 -8.94
CA HIS A 74 -7.78 10.08 -10.09
C HIS A 74 -8.96 9.49 -10.86
N THR A 75 -8.96 8.18 -11.05
CA THR A 75 -10.04 7.66 -11.91
C THR A 75 -11.39 7.55 -11.20
N GLY A 76 -11.39 7.50 -9.88
CA GLY A 76 -12.66 7.41 -9.15
C GLY A 76 -13.18 6.00 -9.05
N GLU A 77 -12.41 5.05 -9.60
CA GLU A 77 -12.78 3.65 -9.56
C GLU A 77 -13.04 3.20 -8.13
N ARG A 78 -13.96 2.25 -7.95
CA ARG A 78 -14.25 1.70 -6.62
C ARG A 78 -14.11 0.21 -6.68
N ARG A 79 -12.97 -0.27 -6.20
CA ARG A 79 -12.62 -1.66 -6.41
C ARG A 79 -13.07 -2.52 -5.24
N TYR A 80 -13.34 -1.87 -4.11
CA TYR A 80 -13.65 -2.64 -2.90
C TYR A 80 -15.15 -2.67 -2.69
N GLN A 81 -15.74 -3.87 -2.68
CA GLN A 81 -17.20 -4.00 -2.50
C GLN A 81 -17.56 -4.80 -1.27
N CYS A 82 -18.44 -4.22 -0.43
CA CYS A 82 -18.98 -4.91 0.73
C CYS A 82 -19.93 -5.98 0.22
N LEU A 83 -19.84 -7.19 0.75
CA LEU A 83 -20.63 -8.30 0.21
C LEU A 83 -21.89 -8.45 1.01
N ALA A 84 -22.01 -7.65 2.06
CA ALA A 84 -23.20 -7.71 2.89
C ALA A 84 -24.35 -6.86 2.36
N CYS A 85 -24.03 -5.78 1.65
CA CYS A 85 -25.08 -4.87 1.13
C CYS A 85 -24.74 -4.36 -0.28
N GLY A 86 -23.51 -4.56 -0.75
CA GLY A 86 -23.17 -4.34 -2.15
C GLY A 86 -22.49 -3.00 -2.43
N LYS A 87 -22.38 -2.16 -1.42
CA LYS A 87 -21.81 -0.82 -1.60
C LYS A 87 -20.33 -0.90 -1.94
N SER A 88 -19.87 -0.03 -2.84
CA SER A 88 -18.47 -0.04 -3.25
C SER A 88 -17.65 1.13 -2.66
N PHE A 89 -16.32 0.95 -2.57
CA PHE A 89 -15.43 1.94 -1.93
C PHE A 89 -14.09 1.96 -2.63
N ILE A 90 -13.42 3.10 -2.53
CA ILE A 90 -12.23 3.33 -3.30
C ILE A 90 -10.98 2.71 -2.64
N ASN A 91 -11.09 2.27 -1.40
CA ASN A 91 -9.95 1.57 -0.79
C ASN A 91 -10.32 0.68 0.39
N TYR A 92 -9.31 0.05 0.97
CA TYR A 92 -9.51 -0.88 2.07
C TYR A 92 -10.06 -0.20 3.31
N GLN A 93 -9.58 1.01 3.57
N GLN A 93 -9.59 1.01 3.60
CA GLN A 93 -9.94 1.72 4.78
CA GLN A 93 -9.99 1.65 4.84
C GLN A 93 -11.44 2.06 4.80
C GLN A 93 -11.46 2.06 4.81
N PHE A 94 -11.97 2.55 3.68
CA PHE A 94 -13.38 2.93 3.62
C PHE A 94 -14.27 1.73 3.73
N MET A 95 -13.83 0.64 3.11
CA MET A 95 -14.58 -0.60 3.09
C MET A 95 -14.61 -1.16 4.51
N SER A 96 -13.43 -1.31 5.13
CA SER A 96 -13.32 -1.81 6.51
C SER A 96 -14.14 -0.98 7.49
N SER A 97 -14.00 0.34 7.40
CA SER A 97 -14.74 1.23 8.27
C SER A 97 -16.25 1.01 8.07
N HIS A 98 -16.65 0.88 6.81
CA HIS A 98 -18.06 0.60 6.49
C HIS A 98 -18.55 -0.67 7.16
N ILE A 99 -17.86 -1.76 6.90
CA ILE A 99 -18.33 -3.03 7.39
C ILE A 99 -18.35 -3.07 8.91
N LYS A 100 -17.27 -2.60 9.55
CA LYS A 100 -17.26 -2.60 11.02
C LYS A 100 -18.40 -1.77 11.57
N SER A 101 -18.61 -0.59 11.00
CA SER A 101 -19.61 0.32 11.54
C SER A 101 -21.07 -0.07 11.28
N VAL A 102 -21.37 -0.45 10.04
CA VAL A 102 -22.73 -0.69 9.56
C VAL A 102 -23.15 -2.12 9.84
N HIS A 103 -22.21 -3.05 9.67
CA HIS A 103 -22.46 -4.47 9.76
C HIS A 103 -21.89 -5.14 11.03
N SER A 104 -21.37 -4.34 11.97
CA SER A 104 -20.69 -4.82 13.18
C SER A 104 -19.95 -6.12 12.93
N GLN A 105 -19.12 -6.11 11.90
CA GLN A 105 -18.31 -7.27 11.53
C GLN A 105 -16.91 -6.82 11.12
N ASP A 106 -15.96 -7.78 11.16
CA ASP A 106 -14.54 -7.53 10.95
C ASP A 106 -14.08 -8.29 9.72
N PRO A 107 -13.66 -7.55 8.69
CA PRO A 107 -13.16 -8.07 7.42
C PRO A 107 -11.82 -8.78 7.56
N SER A 108 -11.02 -8.35 8.52
CA SER A 108 -9.68 -8.90 8.67
C SER A 108 -9.67 -10.43 8.71
N GLY A 109 -8.64 -11.02 8.10
CA GLY A 109 -8.55 -12.46 7.90
C GLY A 109 -9.37 -12.92 6.72
N ASP A 110 -9.37 -14.24 6.49
CA ASP A 110 -10.23 -14.83 5.46
C ASP A 110 -11.68 -14.75 5.94
N SER A 111 -12.28 -13.59 5.73
CA SER A 111 -13.63 -13.34 6.21
C SER A 111 -14.66 -13.53 5.12
N LYS A 112 -14.25 -13.26 3.89
CA LYS A 112 -15.14 -13.16 2.75
C LYS A 112 -16.24 -12.16 3.02
N LEU A 113 -15.90 -11.02 3.61
CA LEU A 113 -16.89 -9.96 3.82
C LEU A 113 -16.79 -8.89 2.70
N TYR A 114 -15.70 -8.93 1.93
CA TYR A 114 -15.56 -8.00 0.79
C TYR A 114 -14.90 -8.66 -0.37
N ARG A 115 -15.11 -8.05 -1.53
CA ARG A 115 -14.45 -8.49 -2.75
C ARG A 115 -13.55 -7.35 -3.20
N LEU A 116 -12.32 -7.69 -3.57
CA LEU A 116 -11.46 -6.75 -4.25
C LEU A 116 -11.52 -7.00 -5.75
N HIS A 117 -12.25 -6.14 -6.46
CA HIS A 117 -12.27 -6.22 -7.93
C HIS A 117 -10.92 -5.91 -8.56
N PRO A 118 -10.64 -6.57 -9.70
CA PRO A 118 -9.49 -6.19 -10.52
C PRO A 118 -9.50 -4.69 -10.78
N CYS A 119 -8.33 -4.09 -10.98
CA CYS A 119 -8.26 -2.69 -11.35
C CYS A 119 -8.52 -2.54 -12.83
N ARG A 120 -9.58 -1.82 -13.20
CA ARG A 120 -9.94 -1.70 -14.62
C ARG A 120 -9.78 -0.30 -15.19
N SER A 121 -9.66 0.70 -14.31
CA SER A 121 -9.71 2.07 -14.75
C SER A 121 -8.34 2.51 -15.24
N LEU A 122 -7.35 1.68 -15.01
CA LEU A 122 -5.98 1.91 -15.51
C LEU A 122 -5.22 0.59 -15.44
N GLN A 123 -4.06 0.54 -16.08
CA GLN A 123 -3.31 -0.71 -16.17
C GLN A 123 -2.22 -0.85 -15.09
N ILE A 124 -2.49 -1.70 -14.10
CA ILE A 124 -1.49 -2.14 -13.10
C ILE A 124 -1.35 -3.65 -13.10
N ARG A 125 -0.34 -4.16 -12.41
CA ARG A 125 -0.17 -5.61 -12.28
C ARG A 125 -1.43 -6.31 -11.73
N GLN A 126 -1.65 -7.54 -12.16
CA GLN A 126 -2.78 -8.33 -11.68
C GLN A 126 -2.50 -9.83 -11.84
#